data_6RGX
#
_entry.id   6RGX
#
_cell.length_a   68.378
_cell.length_b   68.378
_cell.length_c   180.008
_cell.angle_alpha   90.00
_cell.angle_beta   90.00
_cell.angle_gamma   90.00
#
_symmetry.space_group_name_H-M   'P 43 21 2'
#
loop_
_entity.id
_entity.type
_entity.pdbx_description
1 polymer 'Tetracycline repressor protein class D'
2 non-polymer 'CHLORIDE ION'
3 non-polymer 'TETRAETHYLENE GLYCOL'
4 non-polymer 'TRIETHYLENE GLYCOL'
5 non-polymer (4S,4AR,5S,5AR,6R,12AS)-4-(DIMETHYLAMINO)-3,5,10,12,12A-PENTAHYDROXY-6-METHYL-1,11-DIOXO-1,4,4A,5,5A,6,11,12A-OCTAHYDROTETRACENE-2-CARBOXAMIDE
6 non-polymer 'MAGNESIUM ION'
7 water water
#
_entity_poly.entity_id   1
_entity_poly.type   'polypeptide(L)'
_entity_poly.pdbx_seq_one_letter_code
;SRLNRESVIDAALELLNETGIDGLTTRKLAQKLGIEQPTLYWHVKNKRALLDALAVEILARHHDYSLPAAGESWQSFLRN
AAMSFRRALLRYRDGAKVHLGTRPDEKQYDTVETQLRFMTENGFSLRDGLYAISAVSHFTLGAVLEQQEHTAALTDRPAA
PDENLPPLLREALQIMDSDDGEQAFLHGLESLIRGFEVQLTALLQIV
;
_entity_poly.pdbx_strand_id   A,B
#
loop_
_chem_comp.id
_chem_comp.type
_chem_comp.name
_chem_comp.formula
CL non-polymer 'CHLORIDE ION' 'Cl -1'
DXT non-polymer (4S,4AR,5S,5AR,6R,12AS)-4-(DIMETHYLAMINO)-3,5,10,12,12A-PENTAHYDROXY-6-METHYL-1,11-DIOXO-1,4,4A,5,5A,6,11,12A-OCTAHYDROTETRACENE-2-CARBOXAMIDE 'C22 H24 N2 O8'
MG non-polymer 'MAGNESIUM ION' 'Mg 2'
PG4 non-polymer 'TETRAETHYLENE GLYCOL' 'C8 H18 O5'
PGE non-polymer 'TRIETHYLENE GLYCOL' 'C6 H14 O4'
#
# COMPACT_ATOMS: atom_id res chain seq x y z
N SER A 1 -34.60 8.77 -9.47
CA SER A 1 -34.10 8.56 -10.84
C SER A 1 -33.98 7.06 -11.14
N ARG A 2 -33.34 6.72 -12.24
CA ARG A 2 -33.16 5.32 -12.70
C ARG A 2 -32.28 4.55 -11.73
N LEU A 3 -32.65 3.31 -11.42
CA LEU A 3 -31.90 2.49 -10.42
C LEU A 3 -31.45 1.16 -11.04
N ASN A 4 -31.18 1.13 -12.34
CA ASN A 4 -30.40 0.01 -12.92
C ASN A 4 -29.01 0.10 -12.31
N ARG A 5 -28.33 -1.05 -12.31
CA ARG A 5 -26.97 -1.23 -11.78
C ARG A 5 -26.06 -0.09 -12.24
N GLU A 6 -26.02 0.16 -13.55
CA GLU A 6 -25.12 1.19 -14.13
C GLU A 6 -25.39 2.56 -13.50
N SER A 7 -26.65 2.96 -13.38
CA SER A 7 -27.02 4.29 -12.81
C SER A 7 -26.65 4.40 -11.33
N VAL A 8 -26.83 3.31 -10.59
CA VAL A 8 -26.54 3.28 -9.13
C VAL A 8 -25.02 3.41 -8.98
N ILE A 9 -24.25 2.66 -9.78
CA ILE A 9 -22.77 2.70 -9.72
C ILE A 9 -22.32 4.11 -10.11
N ASP A 10 -22.89 4.66 -11.17
CA ASP A 10 -22.52 6.03 -11.58
C ASP A 10 -22.72 7.00 -10.42
N ALA A 11 -23.89 6.96 -9.78
CA ALA A 11 -24.24 7.87 -8.67
C ALA A 11 -23.25 7.66 -7.52
N ALA A 12 -22.99 6.39 -7.17
CA ALA A 12 -22.14 6.04 -6.02
C ALA A 12 -20.69 6.52 -6.30
N LEU A 13 -20.20 6.40 -7.52
CA LEU A 13 -18.81 6.86 -7.81
C LEU A 13 -18.77 8.38 -7.69
N GLU A 14 -19.79 9.07 -8.14
CA GLU A 14 -19.84 10.54 -8.00
C GLU A 14 -19.88 10.85 -6.51
N LEU A 15 -20.59 10.07 -5.71
CA LEU A 15 -20.72 10.35 -4.25
C LEU A 15 -19.37 10.11 -3.60
N LEU A 16 -18.68 9.05 -4.00
CA LEU A 16 -17.34 8.72 -3.46
C LEU A 16 -16.42 9.93 -3.64
N ASN A 17 -16.44 10.60 -4.83
CA ASN A 17 -15.54 11.74 -5.08
C ASN A 17 -15.93 12.89 -4.15
N GLU A 18 -17.21 12.97 -3.80
CA GLU A 18 -17.74 14.06 -2.92
C GLU A 18 -17.37 13.79 -1.47
N THR A 19 -17.41 12.56 -0.97
CA THR A 19 -17.38 12.25 0.49
C THR A 19 -16.10 11.49 0.89
N GLY A 20 -15.46 10.77 -0.03
CA GLY A 20 -14.47 9.77 0.35
C GLY A 20 -15.11 8.50 0.86
N ILE A 21 -14.29 7.46 1.02
CA ILE A 21 -14.78 6.10 1.36
C ILE A 21 -15.44 6.10 2.76
N ASP A 22 -14.85 6.78 3.73
CA ASP A 22 -15.36 6.78 5.12
C ASP A 22 -16.73 7.47 5.16
N GLY A 23 -16.93 8.54 4.37
CA GLY A 23 -18.18 9.31 4.36
C GLY A 23 -19.23 8.76 3.43
N LEU A 24 -18.88 7.79 2.58
CA LEU A 24 -19.85 7.19 1.62
C LEU A 24 -20.81 6.33 2.43
N THR A 25 -22.10 6.59 2.37
CA THR A 25 -23.10 5.77 3.09
C THR A 25 -24.27 5.48 2.16
N THR A 26 -25.01 4.41 2.42
CA THR A 26 -26.24 4.08 1.64
C THR A 26 -27.26 5.20 1.86
N ARG A 27 -27.31 5.79 3.04
CA ARG A 27 -28.26 6.89 3.30
C ARG A 27 -28.00 8.06 2.35
N LYS A 28 -26.73 8.43 2.18
CA LYS A 28 -26.36 9.58 1.32
C LYS A 28 -26.63 9.23 -0.13
N LEU A 29 -26.45 7.98 -0.51
CA LEU A 29 -26.66 7.52 -1.90
C LEU A 29 -28.17 7.62 -2.23
N ALA A 30 -29.02 7.20 -1.30
CA ALA A 30 -30.49 7.29 -1.45
C ALA A 30 -30.88 8.75 -1.70
N GLN A 31 -30.34 9.66 -0.90
CA GLN A 31 -30.57 11.13 -1.02
C GLN A 31 -30.19 11.52 -2.45
N LYS A 32 -29.01 11.16 -2.88
CA LYS A 32 -28.51 11.60 -4.21
C LYS A 32 -29.42 11.09 -5.32
N LEU A 33 -29.95 9.87 -5.20
CA LEU A 33 -30.79 9.24 -6.24
C LEU A 33 -32.26 9.68 -6.09
N GLY A 34 -32.58 10.48 -5.07
CA GLY A 34 -33.97 10.93 -4.84
C GLY A 34 -34.92 9.82 -4.42
N ILE A 35 -34.48 8.86 -3.63
CA ILE A 35 -35.33 7.73 -3.19
C ILE A 35 -35.29 7.59 -1.68
N GLU A 36 -36.26 6.84 -1.15
CA GLU A 36 -36.25 6.42 0.27
C GLU A 36 -35.27 5.28 0.49
N GLN A 37 -34.80 5.14 1.72
CA GLN A 37 -33.77 4.11 2.04
C GLN A 37 -34.26 2.71 1.69
N PRO A 38 -35.51 2.25 2.02
CA PRO A 38 -35.94 0.90 1.66
C PRO A 38 -36.07 0.65 0.13
N THR A 39 -36.28 1.69 -0.66
CA THR A 39 -36.17 1.57 -2.14
C THR A 39 -34.72 1.17 -2.48
N LEU A 40 -33.75 1.94 -1.99
CA LEU A 40 -32.33 1.67 -2.30
C LEU A 40 -31.97 0.24 -1.90
N TYR A 41 -32.41 -0.19 -0.71
CA TYR A 41 -32.11 -1.52 -0.13
C TYR A 41 -32.46 -2.62 -1.14
N TRP A 42 -33.55 -2.49 -1.90
CA TRP A 42 -33.93 -3.51 -2.91
C TRP A 42 -32.79 -3.68 -3.93
N HIS A 43 -32.08 -2.61 -4.23
CA HIS A 43 -31.03 -2.53 -5.28
C HIS A 43 -29.65 -2.85 -4.73
N VAL A 44 -29.37 -2.41 -3.50
CA VAL A 44 -28.03 -2.31 -2.86
C VAL A 44 -28.21 -2.71 -1.39
N LYS A 45 -27.71 -3.87 -0.97
CA LYS A 45 -28.04 -4.39 0.39
C LYS A 45 -27.35 -3.59 1.50
N ASN A 46 -26.10 -3.18 1.29
CA ASN A 46 -25.28 -2.52 2.33
C ASN A 46 -24.06 -1.86 1.68
N LYS A 47 -23.29 -1.17 2.52
CA LYS A 47 -22.08 -0.45 2.06
C LYS A 47 -21.08 -1.45 1.47
N ARG A 48 -20.89 -2.58 2.13
CA ARG A 48 -19.94 -3.60 1.67
C ARG A 48 -20.29 -4.00 0.23
N ALA A 49 -21.56 -4.27 -0.09
CA ALA A 49 -21.94 -4.71 -1.45
C ALA A 49 -21.64 -3.56 -2.42
N LEU A 50 -21.94 -2.34 -2.01
CA LEU A 50 -21.69 -1.17 -2.87
C LEU A 50 -20.18 -1.05 -3.18
N LEU A 51 -19.33 -1.09 -2.17
CA LEU A 51 -17.85 -1.01 -2.37
C LEU A 51 -17.34 -2.14 -3.27
N ASP A 52 -17.79 -3.36 -3.09
CA ASP A 52 -17.39 -4.51 -3.95
C ASP A 52 -17.71 -4.20 -5.41
N ALA A 53 -18.90 -3.62 -5.69
CA ALA A 53 -19.31 -3.30 -7.06
C ALA A 53 -18.44 -2.13 -7.58
N LEU A 54 -18.19 -1.10 -6.76
CA LEU A 54 -17.39 0.05 -7.25
C LEU A 54 -15.98 -0.44 -7.62
N ALA A 55 -15.38 -1.21 -6.76
CA ALA A 55 -14.01 -1.74 -6.93
C ALA A 55 -13.90 -2.43 -8.29
N VAL A 56 -14.87 -3.27 -8.61
CA VAL A 56 -14.83 -4.09 -9.84
C VAL A 56 -15.09 -3.14 -11.00
N GLU A 57 -16.05 -2.25 -10.84
CA GLU A 57 -16.43 -1.32 -11.93
C GLU A 57 -15.29 -0.36 -12.24
N ILE A 58 -14.60 0.17 -11.24
CA ILE A 58 -13.46 1.10 -11.47
C ILE A 58 -12.43 0.46 -12.40
N LEU A 59 -12.00 -0.78 -12.10
CA LEU A 59 -11.06 -1.47 -13.01
C LEU A 59 -11.71 -1.76 -14.36
N ALA A 60 -12.95 -2.26 -14.39
CA ALA A 60 -13.59 -2.59 -15.67
C ALA A 60 -13.58 -1.36 -16.57
N ARG A 61 -13.89 -0.19 -16.05
CA ARG A 61 -14.07 1.02 -16.87
C ARG A 61 -12.72 1.67 -17.19
N HIS A 62 -11.73 1.62 -16.30
CA HIS A 62 -10.57 2.56 -16.38
C HIS A 62 -9.23 1.84 -16.41
N HIS A 63 -9.15 0.54 -16.09
CA HIS A 63 -7.88 -0.24 -16.15
C HIS A 63 -7.82 -0.89 -17.53
N ASP A 64 -7.45 -0.13 -18.54
CA ASP A 64 -7.71 -0.64 -19.91
C ASP A 64 -6.43 -1.25 -20.47
N TYR A 65 -5.33 -1.27 -19.71
CA TYR A 65 -4.16 -2.07 -20.11
C TYR A 65 -3.98 -3.28 -19.19
N SER A 66 -4.99 -4.14 -19.09
CA SER A 66 -4.93 -5.38 -18.26
C SER A 66 -4.39 -6.58 -19.06
N LEU A 67 -4.30 -6.45 -20.39
CA LEU A 67 -3.89 -7.56 -21.27
C LEU A 67 -2.74 -7.08 -22.16
N PRO A 68 -1.77 -7.97 -22.44
CA PRO A 68 -0.67 -7.62 -23.33
C PRO A 68 -1.21 -7.38 -24.73
N ALA A 69 -0.54 -6.51 -25.47
CA ALA A 69 -0.78 -6.37 -26.93
C ALA A 69 -0.14 -7.56 -27.65
N ALA A 70 -0.61 -7.84 -28.86
CA ALA A 70 0.01 -8.85 -29.74
C ALA A 70 1.51 -8.58 -29.82
N GLY A 71 2.30 -9.59 -29.50
CA GLY A 71 3.75 -9.53 -29.67
C GLY A 71 4.44 -8.73 -28.60
N GLU A 72 3.71 -8.21 -27.59
CA GLU A 72 4.40 -7.34 -26.57
C GLU A 72 5.33 -8.20 -25.72
N SER A 73 6.47 -7.65 -25.30
CA SER A 73 7.39 -8.23 -24.31
C SER A 73 6.73 -8.30 -22.92
N TRP A 74 7.14 -9.25 -22.11
CA TRP A 74 6.62 -9.30 -20.74
C TRP A 74 7.07 -8.06 -19.95
N GLN A 75 8.24 -7.51 -20.24
CA GLN A 75 8.73 -6.29 -19.55
C GLN A 75 7.73 -5.15 -19.83
N SER A 76 7.45 -4.92 -21.12
CA SER A 76 6.56 -3.84 -21.56
C SER A 76 5.16 -4.08 -21.04
N PHE A 77 4.68 -5.32 -21.05
CA PHE A 77 3.36 -5.62 -20.48
C PHE A 77 3.32 -5.23 -18.99
N LEU A 78 4.28 -5.65 -18.18
CA LEU A 78 4.21 -5.32 -16.73
C LEU A 78 4.23 -3.81 -16.56
N ARG A 79 5.06 -3.10 -17.34
CA ARG A 79 5.21 -1.63 -17.23
C ARG A 79 3.84 -0.99 -17.55
N ASN A 80 3.26 -1.36 -18.70
CA ASN A 80 1.97 -0.80 -19.19
C ASN A 80 0.83 -1.14 -18.20
N ALA A 81 0.78 -2.35 -17.68
CA ALA A 81 -0.29 -2.78 -16.75
C ALA A 81 -0.16 -1.98 -15.47
N ALA A 82 1.08 -1.72 -15.01
CA ALA A 82 1.30 -1.07 -13.72
C ALA A 82 0.79 0.36 -13.88
N MET A 83 1.16 1.03 -14.96
CA MET A 83 0.79 2.44 -15.19
C MET A 83 -0.75 2.55 -15.28
N SER A 84 -1.39 1.66 -15.99
CA SER A 84 -2.88 1.61 -16.12
C SER A 84 -3.53 1.40 -14.74
N PHE A 85 -3.05 0.43 -13.98
CA PHE A 85 -3.60 0.08 -12.66
C PHE A 85 -3.53 1.33 -11.76
N ARG A 86 -2.37 1.98 -11.74
CA ARG A 86 -2.13 3.18 -10.92
C ARG A 86 -3.07 4.31 -11.38
N ARG A 87 -3.16 4.55 -12.70
CA ARG A 87 -4.09 5.59 -13.19
C ARG A 87 -5.52 5.27 -12.72
N ALA A 88 -5.95 4.03 -12.84
CA ALA A 88 -7.33 3.59 -12.49
C ALA A 88 -7.59 3.84 -11.01
N LEU A 89 -6.61 3.50 -10.16
CA LEU A 89 -6.79 3.69 -8.71
C LEU A 89 -6.82 5.18 -8.35
N LEU A 90 -6.02 6.01 -9.01
CA LEU A 90 -5.98 7.46 -8.71
C LEU A 90 -7.21 8.19 -9.25
N ARG A 91 -7.99 7.58 -10.12
CA ARG A 91 -9.09 8.30 -10.80
C ARG A 91 -10.17 8.76 -9.81
N TYR A 92 -10.42 8.03 -8.72
CA TYR A 92 -11.47 8.33 -7.72
C TYR A 92 -10.82 8.51 -6.36
N ARG A 93 -11.43 9.38 -5.60
CA ARG A 93 -11.02 9.68 -4.23
C ARG A 93 -11.05 8.37 -3.43
N ASP A 94 -9.99 8.09 -2.69
CA ASP A 94 -9.81 6.84 -1.90
C ASP A 94 -9.98 5.60 -2.75
N GLY A 95 -9.61 5.71 -4.05
CA GLY A 95 -9.78 4.60 -4.97
C GLY A 95 -9.02 3.37 -4.54
N ALA A 96 -7.78 3.53 -4.11
CA ALA A 96 -6.98 2.38 -3.71
C ALA A 96 -7.63 1.69 -2.51
N LYS A 97 -8.12 2.42 -1.53
CA LYS A 97 -8.86 1.76 -0.42
C LYS A 97 -10.12 1.04 -0.92
N VAL A 98 -10.80 1.61 -1.90
CA VAL A 98 -11.98 0.94 -2.51
C VAL A 98 -11.56 -0.39 -3.12
N HIS A 99 -10.44 -0.40 -3.85
CA HIS A 99 -9.89 -1.63 -4.45
C HIS A 99 -9.52 -2.67 -3.36
N LEU A 100 -8.89 -2.24 -2.26
CA LEU A 100 -8.20 -3.11 -1.25
C LEU A 100 -9.23 -4.06 -0.63
N GLY A 101 -10.51 -3.68 -0.58
CA GLY A 101 -11.62 -4.63 -0.32
C GLY A 101 -12.46 -5.02 -1.55
N THR A 102 -11.85 -5.41 -2.68
CA THR A 102 -12.49 -6.13 -3.81
C THR A 102 -12.85 -7.55 -3.32
N ARG A 103 -13.96 -8.13 -3.81
CA ARG A 103 -14.28 -9.57 -3.66
C ARG A 103 -13.68 -10.29 -4.86
N PRO A 104 -13.62 -11.64 -4.83
CA PRO A 104 -13.38 -12.42 -6.07
C PRO A 104 -14.39 -12.02 -7.17
N ASP A 105 -13.92 -11.78 -8.38
CA ASP A 105 -14.82 -11.53 -9.55
C ASP A 105 -14.39 -12.49 -10.67
N GLU A 106 -15.33 -13.27 -11.19
CA GLU A 106 -15.05 -14.31 -12.22
C GLU A 106 -14.33 -13.66 -13.42
N LYS A 107 -14.72 -12.43 -13.77
CA LYS A 107 -14.13 -11.76 -14.96
C LYS A 107 -12.69 -11.32 -14.64
N GLN A 108 -12.41 -10.98 -13.38
CA GLN A 108 -11.03 -10.61 -12.97
C GLN A 108 -10.16 -11.87 -12.90
N TYR A 109 -10.75 -13.05 -12.62
CA TYR A 109 -10.03 -14.35 -12.60
C TYR A 109 -9.63 -14.74 -14.03
N ASP A 110 -10.49 -14.53 -15.02
CA ASP A 110 -10.17 -14.81 -16.45
C ASP A 110 -9.02 -13.89 -16.89
N THR A 111 -9.05 -12.62 -16.50
CA THR A 111 -7.96 -11.65 -16.82
C THR A 111 -6.65 -12.13 -16.18
N VAL A 112 -6.62 -12.44 -14.88
CA VAL A 112 -5.36 -12.88 -14.19
C VAL A 112 -4.89 -14.21 -14.79
N GLU A 113 -5.81 -15.10 -15.14
CA GLU A 113 -5.45 -16.35 -15.86
C GLU A 113 -4.70 -16.02 -17.17
N THR A 114 -5.22 -15.10 -17.98
CA THR A 114 -4.60 -14.69 -19.26
C THR A 114 -3.20 -14.10 -18.99
N GLN A 115 -3.06 -13.32 -17.91
CA GLN A 115 -1.79 -12.68 -17.53
C GLN A 115 -0.82 -13.78 -17.10
N LEU A 116 -1.26 -14.77 -16.34
CA LEU A 116 -0.37 -15.85 -15.83
C LEU A 116 0.00 -16.73 -17.02
N ARG A 117 -0.94 -16.96 -17.95
CA ARG A 117 -0.64 -17.75 -19.19
C ARG A 117 0.50 -17.05 -19.94
N PHE A 118 0.30 -15.74 -20.16
CA PHE A 118 1.25 -14.86 -20.90
C PHE A 118 2.63 -14.94 -20.24
N MET A 119 2.73 -14.79 -18.91
CA MET A 119 4.03 -14.81 -18.21
C MET A 119 4.70 -16.19 -18.43
N THR A 120 3.98 -17.29 -18.26
CA THR A 120 4.55 -18.65 -18.39
C THR A 120 4.95 -18.93 -19.83
N GLU A 121 4.24 -18.40 -20.83
CA GLU A 121 4.64 -18.54 -22.25
C GLU A 121 5.96 -17.80 -22.47
N ASN A 122 6.30 -16.83 -21.64
CA ASN A 122 7.49 -15.98 -21.86
C ASN A 122 8.64 -16.52 -21.02
N GLY A 123 8.51 -17.71 -20.44
CA GLY A 123 9.65 -18.37 -19.79
C GLY A 123 9.54 -18.44 -18.29
N PHE A 124 8.62 -17.71 -17.66
CA PHE A 124 8.44 -17.76 -16.19
C PHE A 124 7.86 -19.11 -15.75
N SER A 125 8.39 -19.69 -14.69
CA SER A 125 7.66 -20.70 -13.87
C SER A 125 6.33 -20.07 -13.42
N LEU A 126 5.32 -20.88 -13.11
CA LEU A 126 4.05 -20.33 -12.60
C LEU A 126 4.37 -19.53 -11.33
N ARG A 127 5.27 -20.04 -10.50
CA ARG A 127 5.61 -19.43 -9.20
C ARG A 127 6.16 -18.03 -9.46
N ASP A 128 7.19 -17.95 -10.31
CA ASP A 128 7.96 -16.70 -10.56
C ASP A 128 7.08 -15.74 -11.33
N GLY A 129 6.20 -16.25 -12.21
CA GLY A 129 5.22 -15.42 -12.95
C GLY A 129 4.26 -14.74 -12.00
N LEU A 130 3.72 -15.53 -11.07
CA LEU A 130 2.79 -15.04 -10.01
C LEU A 130 3.51 -14.03 -9.10
N TYR A 131 4.73 -14.35 -8.64
CA TYR A 131 5.54 -13.47 -7.77
C TYR A 131 5.76 -12.12 -8.45
N ALA A 132 6.02 -12.12 -9.77
CA ALA A 132 6.31 -10.89 -10.51
C ALA A 132 5.03 -10.08 -10.56
N ILE A 133 3.93 -10.67 -10.99
CA ILE A 133 2.63 -9.95 -11.09
C ILE A 133 2.22 -9.43 -9.72
N SER A 134 2.38 -10.23 -8.68
CA SER A 134 2.05 -9.85 -7.28
C SER A 134 2.90 -8.65 -6.86
N ALA A 135 4.21 -8.71 -7.07
CA ALA A 135 5.15 -7.67 -6.63
C ALA A 135 4.74 -6.35 -7.33
N VAL A 136 4.41 -6.39 -8.61
CA VAL A 136 4.00 -5.17 -9.35
C VAL A 136 2.73 -4.65 -8.73
N SER A 137 1.77 -5.52 -8.46
CA SER A 137 0.51 -5.13 -7.81
C SER A 137 0.80 -4.52 -6.43
N HIS A 138 1.63 -5.17 -5.61
CA HIS A 138 1.90 -4.72 -4.23
C HIS A 138 2.53 -3.32 -4.25
N PHE A 139 3.54 -3.15 -5.08
CA PHE A 139 4.30 -1.91 -5.23
C PHE A 139 3.36 -0.80 -5.68
N THR A 140 2.52 -1.09 -6.67
CA THR A 140 1.66 -0.06 -7.28
C THR A 140 0.60 0.37 -6.26
N LEU A 141 -0.05 -0.59 -5.62
CA LEU A 141 -1.13 -0.30 -4.65
C LEU A 141 -0.53 0.45 -3.49
N GLY A 142 0.65 0.04 -2.99
CA GLY A 142 1.35 0.70 -1.89
C GLY A 142 1.67 2.15 -2.22
N ALA A 143 2.15 2.44 -3.42
CA ALA A 143 2.51 3.79 -3.85
C ALA A 143 1.24 4.66 -3.90
N VAL A 144 0.15 4.15 -4.44
CA VAL A 144 -1.11 4.93 -4.58
C VAL A 144 -1.69 5.15 -3.19
N LEU A 145 -1.72 4.11 -2.36
CA LEU A 145 -2.34 4.24 -1.04
C LEU A 145 -1.58 5.29 -0.25
N GLU A 146 -0.25 5.32 -0.35
CA GLU A 146 0.54 6.32 0.40
C GLU A 146 0.20 7.71 -0.13
N GLN A 147 -0.02 7.91 -1.42
CA GLN A 147 -0.37 9.25 -1.99
C GLN A 147 -1.77 9.64 -1.46
N GLN A 148 -2.72 8.72 -1.55
CA GLN A 148 -4.14 9.05 -1.29
C GLN A 148 -4.35 9.23 0.21
N GLU A 149 -3.74 8.40 1.03
CA GLU A 149 -3.92 8.49 2.50
C GLU A 149 -3.20 9.72 3.01
N HIS A 150 -2.09 10.11 2.38
CA HIS A 150 -1.37 11.34 2.81
C HIS A 150 -2.27 12.55 2.54
N THR A 151 -2.91 12.57 1.36
CA THR A 151 -3.90 13.63 1.02
C THR A 151 -5.03 13.70 2.06
N ALA A 152 -5.68 12.57 2.30
CA ALA A 152 -6.75 12.37 3.32
C ALA A 152 -6.29 12.86 4.70
N ALA A 153 -5.04 12.63 5.14
CA ALA A 153 -4.52 13.11 6.44
C ALA A 153 -4.35 14.63 6.47
N LEU A 154 -3.96 15.28 5.35
CA LEU A 154 -3.90 16.77 5.26
C LEU A 154 -5.31 17.41 5.38
N THR A 155 -6.38 16.67 5.14
CA THR A 155 -7.79 17.06 5.48
C THR A 155 -7.95 17.28 7.00
N ASP A 156 -7.38 16.40 7.85
CA ASP A 156 -7.60 16.37 9.33
C ASP A 156 -6.53 17.19 10.08
N ARG A 157 -5.27 16.76 9.99
CA ARG A 157 -4.11 17.30 10.75
C ARG A 157 -3.35 18.28 9.83
N PRO A 158 -2.31 18.97 10.33
CA PRO A 158 -1.36 19.68 9.46
C PRO A 158 -0.16 18.82 9.07
N ALA A 159 0.89 19.43 8.51
CA ALA A 159 2.25 18.85 8.35
C ALA A 159 3.21 19.62 9.26
N ALA A 160 4.16 18.92 9.91
CA ALA A 160 5.02 19.44 11.02
C ALA A 160 5.81 20.67 10.57
N PRO A 161 6.31 21.49 11.50
CA PRO A 161 7.09 22.70 11.15
C PRO A 161 8.41 22.36 10.43
N ASP A 162 8.57 22.91 9.22
CA ASP A 162 9.74 22.72 8.31
C ASP A 162 11.06 23.00 9.07
N GLU A 163 11.05 23.89 10.06
CA GLU A 163 12.28 24.48 10.65
C GLU A 163 12.96 23.52 11.64
N ASN A 164 12.35 22.41 12.05
CA ASN A 164 13.11 21.39 12.81
C ASN A 164 13.53 20.22 11.91
N LEU A 165 13.28 20.22 10.58
CA LEU A 165 13.65 19.08 9.68
C LEU A 165 15.16 19.06 9.45
N PRO A 166 15.80 17.88 9.51
CA PRO A 166 17.18 17.73 9.07
C PRO A 166 17.18 17.91 7.55
N PRO A 167 18.37 18.22 6.98
CA PRO A 167 18.47 18.62 5.60
C PRO A 167 18.07 17.56 4.57
N LEU A 168 18.52 16.31 4.65
CA LEU A 168 18.20 15.37 3.55
C LEU A 168 16.69 15.04 3.60
N LEU A 169 16.09 14.98 4.80
CA LEU A 169 14.64 14.71 4.90
C LEU A 169 13.91 15.89 4.27
N ARG A 170 14.29 17.12 4.60
CA ARG A 170 13.68 18.35 4.00
C ARG A 170 13.70 18.18 2.48
N GLU A 171 14.85 17.85 1.91
CA GLU A 171 15.00 17.80 0.44
C GLU A 171 14.17 16.61 -0.09
N ALA A 172 14.10 15.50 0.65
CA ALA A 172 13.34 14.28 0.31
C ALA A 172 11.82 14.59 0.30
N LEU A 173 11.34 15.35 1.28
CA LEU A 173 9.92 15.77 1.31
C LEU A 173 9.63 16.73 0.14
N GLN A 174 10.57 17.62 -0.23
CA GLN A 174 10.42 18.53 -1.41
C GLN A 174 10.22 17.68 -2.66
N ILE A 175 11.07 16.65 -2.81
CA ILE A 175 11.05 15.72 -3.98
C ILE A 175 9.78 14.88 -4.00
N MET A 176 9.36 14.35 -2.85
N MET A 176 9.37 14.34 -2.85
CA MET A 176 8.24 13.36 -2.83
CA MET A 176 8.21 13.42 -2.74
C MET A 176 6.91 14.15 -3.00
C MET A 176 6.92 14.17 -3.05
N ASP A 177 6.88 15.46 -2.73
CA ASP A 177 5.66 16.29 -2.84
C ASP A 177 5.65 17.10 -4.14
N SER A 178 6.67 16.98 -4.98
CA SER A 178 6.79 17.78 -6.24
C SER A 178 5.88 17.20 -7.33
N ASP A 179 5.33 15.98 -7.17
CA ASP A 179 4.29 15.42 -8.10
C ASP A 179 3.39 14.49 -7.27
N ASP A 180 2.51 13.72 -7.92
CA ASP A 180 1.55 12.78 -7.25
C ASP A 180 2.24 11.41 -6.98
N GLY A 181 3.58 11.40 -6.94
CA GLY A 181 4.41 10.19 -6.72
C GLY A 181 4.85 9.55 -8.05
N GLU A 182 4.62 10.21 -9.18
CA GLU A 182 4.77 9.51 -10.49
C GLU A 182 6.25 9.23 -10.74
N GLN A 183 7.13 10.20 -10.54
CA GLN A 183 8.55 9.98 -10.82
C GLN A 183 9.08 8.82 -9.98
N ALA A 184 8.79 8.80 -8.68
CA ALA A 184 9.28 7.76 -7.77
C ALA A 184 8.75 6.41 -8.27
N PHE A 185 7.49 6.41 -8.62
CA PHE A 185 6.75 5.19 -9.03
C PHE A 185 7.43 4.65 -10.28
N LEU A 186 7.63 5.47 -11.28
CA LEU A 186 8.19 4.99 -12.58
C LEU A 186 9.61 4.44 -12.42
N HIS A 187 10.40 5.08 -11.55
CA HIS A 187 11.79 4.67 -11.25
C HIS A 187 11.80 3.32 -10.53
N GLY A 188 11.01 3.17 -9.48
CA GLY A 188 10.91 1.89 -8.75
C GLY A 188 10.42 0.81 -9.66
N LEU A 189 9.51 1.16 -10.56
CA LEU A 189 8.93 0.14 -11.47
C LEU A 189 10.02 -0.44 -12.40
N GLU A 190 10.92 0.41 -12.92
CA GLU A 190 12.00 -0.09 -13.77
C GLU A 190 12.90 -1.00 -12.96
N SER A 191 13.24 -0.60 -11.73
CA SER A 191 14.09 -1.41 -10.83
C SER A 191 13.48 -2.80 -10.64
N LEU A 192 12.17 -2.88 -10.35
CA LEU A 192 11.47 -4.14 -10.14
C LEU A 192 11.49 -5.03 -11.40
N ILE A 193 11.19 -4.44 -12.55
CA ILE A 193 11.15 -5.24 -13.80
C ILE A 193 12.56 -5.78 -14.06
N ARG A 194 13.59 -4.95 -13.90
CA ARG A 194 14.97 -5.40 -14.24
C ARG A 194 15.36 -6.52 -13.29
N GLY A 195 15.08 -6.38 -11.99
CA GLY A 195 15.26 -7.47 -11.03
C GLY A 195 14.64 -8.75 -11.51
N PHE A 196 13.38 -8.73 -11.96
CA PHE A 196 12.71 -9.93 -12.44
C PHE A 196 13.49 -10.49 -13.64
N GLU A 197 14.00 -9.63 -14.50
CA GLU A 197 14.66 -10.15 -15.72
C GLU A 197 15.98 -10.83 -15.35
N VAL A 198 16.75 -10.24 -14.42
CA VAL A 198 18.03 -10.85 -13.95
C VAL A 198 17.75 -12.25 -13.40
N GLN A 199 16.63 -12.41 -12.69
CA GLN A 199 16.20 -13.69 -12.08
C GLN A 199 15.78 -14.65 -13.19
N LEU A 200 14.92 -14.24 -14.12
CA LEU A 200 14.46 -15.13 -15.22
C LEU A 200 15.68 -15.64 -15.98
N THR A 201 16.58 -14.76 -16.40
CA THR A 201 17.71 -15.13 -17.28
C THR A 201 18.69 -16.07 -16.56
N ALA A 202 18.75 -16.06 -15.23
CA ALA A 202 19.64 -16.88 -14.38
C ALA A 202 19.29 -18.37 -14.46
N LEU A 203 18.04 -18.76 -14.75
CA LEU A 203 17.62 -20.18 -14.72
C LEU A 203 18.08 -20.80 -13.40
N LEU A 204 19.00 -21.79 -13.42
CA LEU A 204 19.48 -22.50 -12.20
C LEU A 204 20.86 -22.00 -11.75
N GLN A 205 21.43 -21.02 -12.43
CA GLN A 205 22.77 -20.46 -12.08
C GLN A 205 22.68 -19.71 -10.74
N ILE A 206 23.74 -19.77 -9.95
CA ILE A 206 23.87 -18.90 -8.77
C ILE A 206 24.01 -17.44 -9.22
N VAL A 207 23.16 -16.58 -8.66
CA VAL A 207 22.98 -15.19 -9.16
C VAL A 207 22.81 -14.28 -7.95
N SER B 1 -7.94 3.99 34.63
CA SER B 1 -6.56 3.57 34.95
C SER B 1 -5.60 4.72 34.59
N ARG B 2 -4.32 4.42 34.50
CA ARG B 2 -3.29 5.46 34.28
C ARG B 2 -3.36 5.98 32.83
N LEU B 3 -3.20 7.28 32.64
CA LEU B 3 -3.37 7.95 31.31
C LEU B 3 -2.09 8.70 30.91
N ASN B 4 -0.93 8.25 31.35
CA ASN B 4 0.34 8.72 30.73
C ASN B 4 0.34 8.21 29.30
N ARG B 5 1.03 8.91 28.40
CA ARG B 5 1.13 8.58 26.96
C ARG B 5 1.35 7.07 26.80
N GLU B 6 2.31 6.49 27.51
CA GLU B 6 2.65 5.06 27.30
C GLU B 6 1.43 4.16 27.57
N SER B 7 0.68 4.44 28.65
CA SER B 7 -0.49 3.62 29.03
C SER B 7 -1.63 3.74 28.01
N VAL B 8 -1.79 4.95 27.49
CA VAL B 8 -2.83 5.25 26.47
C VAL B 8 -2.48 4.45 25.20
N ILE B 9 -1.21 4.48 24.80
CA ILE B 9 -0.77 3.77 23.56
C ILE B 9 -0.93 2.28 23.81
N ASP B 10 -0.51 1.78 24.95
CA ASP B 10 -0.70 0.35 25.28
C ASP B 10 -2.18 -0.02 25.05
N ALA B 11 -3.10 0.77 25.63
CA ALA B 11 -4.55 0.49 25.58
C ALA B 11 -5.04 0.55 24.14
N ALA B 12 -4.60 1.56 23.39
CA ALA B 12 -5.07 1.75 21.99
C ALA B 12 -4.57 0.59 21.12
N LEU B 13 -3.37 0.08 21.36
CA LEU B 13 -2.83 -1.02 20.54
C LEU B 13 -3.63 -2.29 20.90
N GLU B 14 -3.98 -2.47 22.16
CA GLU B 14 -4.76 -3.65 22.57
C GLU B 14 -6.11 -3.54 21.89
N LEU B 15 -6.66 -2.32 21.82
CA LEU B 15 -7.97 -2.12 21.22
C LEU B 15 -7.90 -2.40 19.72
N LEU B 16 -6.86 -1.91 19.07
CA LEU B 16 -6.66 -2.13 17.62
C LEU B 16 -6.73 -3.63 17.33
N ASN B 17 -6.07 -4.49 18.13
CA ASN B 17 -6.05 -5.94 17.84
C ASN B 17 -7.47 -6.47 17.99
N GLU B 18 -8.27 -5.89 18.88
CA GLU B 18 -9.67 -6.33 19.13
C GLU B 18 -10.60 -5.89 18.00
N THR B 19 -10.46 -4.69 17.44
CA THR B 19 -11.49 -4.05 16.59
C THR B 19 -11.01 -3.85 15.14
N GLY B 20 -9.69 -3.79 14.88
CA GLY B 20 -9.18 -3.29 13.60
C GLY B 20 -9.27 -1.77 13.51
N ILE B 21 -8.73 -1.22 12.45
CA ILE B 21 -8.55 0.24 12.36
C ILE B 21 -9.92 0.91 12.16
N ASP B 22 -10.79 0.33 11.32
CA ASP B 22 -12.13 0.94 11.06
C ASP B 22 -12.92 0.97 12.39
N GLY B 23 -12.83 -0.08 13.18
CA GLY B 23 -13.64 -0.25 14.41
C GLY B 23 -13.04 0.45 15.61
N LEU B 24 -11.80 0.91 15.53
CA LEU B 24 -11.11 1.65 16.60
C LEU B 24 -11.76 3.01 16.74
N THR B 25 -12.30 3.33 17.92
CA THR B 25 -12.87 4.66 18.15
C THR B 25 -12.37 5.16 19.51
N THR B 26 -12.33 6.47 19.68
CA THR B 26 -11.97 7.10 20.96
C THR B 26 -13.01 6.71 22.00
N ARG B 27 -14.27 6.54 21.64
CA ARG B 27 -15.27 6.10 22.63
C ARG B 27 -14.92 4.72 23.19
N LYS B 28 -14.51 3.77 22.33
CA LYS B 28 -14.13 2.41 22.78
C LYS B 28 -12.85 2.46 23.60
N LEU B 29 -11.95 3.38 23.29
CA LEU B 29 -10.66 3.51 24.04
C LEU B 29 -10.98 4.04 25.45
N ALA B 30 -11.86 5.03 25.54
CA ALA B 30 -12.33 5.56 26.86
C ALA B 30 -12.86 4.38 27.70
N GLN B 31 -13.71 3.55 27.12
CA GLN B 31 -14.30 2.37 27.79
C GLN B 31 -13.16 1.49 28.31
N LYS B 32 -12.22 1.14 27.45
CA LYS B 32 -11.10 0.23 27.84
C LYS B 32 -10.29 0.83 28.99
N LEU B 33 -10.08 2.15 29.00
CA LEU B 33 -9.28 2.81 30.08
C LEU B 33 -10.14 3.11 31.30
N GLY B 34 -11.43 2.80 31.25
CA GLY B 34 -12.34 3.03 32.40
C GLY B 34 -12.56 4.51 32.67
N ILE B 35 -12.62 5.35 31.64
CA ILE B 35 -12.80 6.81 31.82
C ILE B 35 -13.97 7.26 30.96
N GLU B 36 -14.47 8.44 31.24
CA GLU B 36 -15.44 9.15 30.42
C GLU B 36 -14.72 9.79 29.20
N GLN B 37 -15.47 10.00 28.14
CA GLN B 37 -14.89 10.52 26.86
C GLN B 37 -14.23 11.87 27.06
N PRO B 38 -14.77 12.84 27.83
CA PRO B 38 -14.10 14.14 27.95
C PRO B 38 -12.78 14.08 28.76
N THR B 39 -12.64 13.10 29.66
CA THR B 39 -11.31 12.81 30.27
C THR B 39 -10.32 12.39 29.15
N LEU B 40 -10.71 11.42 28.33
CA LEU B 40 -9.82 10.95 27.24
C LEU B 40 -9.40 12.14 26.37
N TYR B 41 -10.33 13.02 26.04
CA TYR B 41 -10.11 14.17 25.12
C TYR B 41 -8.95 15.03 25.61
N TRP B 42 -8.77 15.19 26.92
CA TRP B 42 -7.64 15.96 27.48
C TRP B 42 -6.31 15.35 26.98
N HIS B 43 -6.29 14.03 26.87
CA HIS B 43 -5.08 13.21 26.57
C HIS B 43 -4.92 12.96 25.06
N VAL B 44 -6.03 12.75 24.35
CA VAL B 44 -6.13 12.27 22.94
C VAL B 44 -7.22 13.10 22.24
N LYS B 45 -6.88 13.98 21.32
CA LYS B 45 -7.84 14.94 20.75
C LYS B 45 -8.81 14.26 19.81
N ASN B 46 -8.38 13.26 19.01
CA ASN B 46 -9.24 12.62 18.01
C ASN B 46 -8.59 11.34 17.48
N LYS B 47 -9.31 10.66 16.60
CA LYS B 47 -8.83 9.37 16.04
C LYS B 47 -7.56 9.64 15.21
N ARG B 48 -7.54 10.74 14.42
CA ARG B 48 -6.37 10.99 13.57
C ARG B 48 -5.13 11.16 14.48
N ALA B 49 -5.21 11.89 15.59
CA ALA B 49 -4.05 12.07 16.49
C ALA B 49 -3.64 10.70 17.04
N LEU B 50 -4.62 9.89 17.41
CA LEU B 50 -4.31 8.55 17.94
C LEU B 50 -3.59 7.71 16.88
N LEU B 51 -4.14 7.61 15.67
CA LEU B 51 -3.52 6.81 14.57
C LEU B 51 -2.09 7.31 14.27
N ASP B 52 -1.90 8.61 14.18
CA ASP B 52 -0.54 9.21 13.95
C ASP B 52 0.44 8.69 14.99
N ALA B 53 0.07 8.72 16.28
CA ALA B 53 0.93 8.24 17.38
C ALA B 53 1.15 6.74 17.29
N LEU B 54 0.14 5.95 16.94
CA LEU B 54 0.31 4.48 16.89
C LEU B 54 1.29 4.12 15.79
N ALA B 55 1.20 4.79 14.64
CA ALA B 55 2.15 4.57 13.52
C ALA B 55 3.57 4.73 14.04
N VAL B 56 3.81 5.75 14.86
CA VAL B 56 5.16 6.04 15.36
C VAL B 56 5.55 4.97 16.36
N GLU B 57 4.64 4.69 17.29
CA GLU B 57 4.97 3.83 18.45
C GLU B 57 5.10 2.37 18.00
N ILE B 58 4.37 1.94 16.97
CA ILE B 58 4.54 0.55 16.47
C ILE B 58 5.98 0.35 16.01
N LEU B 59 6.53 1.32 15.25
CA LEU B 59 7.93 1.19 14.81
C LEU B 59 8.86 1.37 16.01
N ALA B 60 8.65 2.32 16.89
CA ALA B 60 9.56 2.48 18.05
C ALA B 60 9.64 1.16 18.82
N ARG B 61 8.53 0.44 18.98
CA ARG B 61 8.48 -0.77 19.85
C ARG B 61 9.04 -1.98 19.13
N HIS B 62 8.84 -2.09 17.83
CA HIS B 62 8.95 -3.39 17.14
C HIS B 62 9.85 -3.35 15.90
N HIS B 63 10.20 -2.17 15.37
CA HIS B 63 11.08 -2.04 14.17
C HIS B 63 12.54 -1.98 14.64
N ASP B 64 13.18 -3.12 14.82
CA ASP B 64 14.51 -3.18 15.45
C ASP B 64 15.63 -3.00 14.45
N TYR B 65 15.36 -2.97 13.14
CA TYR B 65 16.45 -2.86 12.15
C TYR B 65 16.27 -1.60 11.30
N SER B 66 16.36 -0.44 11.93
CA SER B 66 16.17 0.85 11.21
C SER B 66 17.54 1.42 10.77
N LEU B 67 18.65 0.94 11.33
CA LEU B 67 19.98 1.50 11.05
C LEU B 67 20.92 0.40 10.58
N PRO B 68 21.81 0.74 9.62
CA PRO B 68 22.78 -0.23 9.15
C PRO B 68 23.70 -0.66 10.30
N ALA B 69 24.09 -1.93 10.29
CA ALA B 69 25.22 -2.41 11.13
C ALA B 69 26.52 -1.79 10.65
N ALA B 70 27.54 -1.80 11.50
CA ALA B 70 28.87 -1.27 11.13
C ALA B 70 29.35 -2.13 9.96
N GLY B 71 29.77 -1.51 8.87
CA GLY B 71 30.32 -2.27 7.75
C GLY B 71 29.27 -2.85 6.85
N GLU B 72 27.97 -2.74 7.16
CA GLU B 72 26.93 -3.38 6.30
C GLU B 72 26.86 -2.72 4.93
N SER B 73 26.61 -3.52 3.90
CA SER B 73 26.30 -3.07 2.52
C SER B 73 24.92 -2.40 2.48
N TRP B 74 24.70 -1.50 1.55
CA TRP B 74 23.35 -0.92 1.35
C TRP B 74 22.36 -2.00 0.94
N GLN B 75 22.76 -3.03 0.20
CA GLN B 75 21.83 -4.12 -0.19
C GLN B 75 21.34 -4.82 1.07
N SER B 76 22.25 -5.23 1.95
CA SER B 76 21.92 -5.97 3.19
C SER B 76 21.12 -5.06 4.10
N PHE B 77 21.47 -3.79 4.18
CA PHE B 77 20.69 -2.84 5.02
C PHE B 77 19.26 -2.76 4.47
N LEU B 78 19.05 -2.56 3.17
CA LEU B 78 17.64 -2.48 2.70
C LEU B 78 16.92 -3.77 2.99
N ARG B 79 17.56 -4.93 2.76
CA ARG B 79 16.91 -6.23 3.00
C ARG B 79 16.50 -6.33 4.49
N ASN B 80 17.42 -6.06 5.40
CA ASN B 80 17.19 -6.18 6.85
C ASN B 80 16.09 -5.18 7.31
N ALA B 81 16.15 -3.94 6.83
CA ALA B 81 15.19 -2.87 7.18
C ALA B 81 13.81 -3.28 6.66
N ALA B 82 13.72 -3.89 5.49
CA ALA B 82 12.42 -4.21 4.89
C ALA B 82 11.80 -5.34 5.69
N MET B 83 12.59 -6.34 6.06
CA MET B 83 12.10 -7.47 6.85
C MET B 83 11.59 -6.99 8.21
N SER B 84 12.33 -6.10 8.85
CA SER B 84 11.97 -5.49 10.16
C SER B 84 10.67 -4.70 10.02
N PHE B 85 10.60 -3.82 9.03
CA PHE B 85 9.43 -2.96 8.76
C PHE B 85 8.20 -3.84 8.59
N ARG B 86 8.28 -4.87 7.75
CA ARG B 86 7.18 -5.84 7.52
C ARG B 86 6.82 -6.51 8.83
N ARG B 87 7.79 -7.01 9.60
CA ARG B 87 7.43 -7.69 10.87
C ARG B 87 6.66 -6.71 11.78
N ALA B 88 7.13 -5.46 11.85
CA ALA B 88 6.57 -4.42 12.74
C ALA B 88 5.13 -4.15 12.29
N LEU B 89 4.89 -4.02 11.00
CA LEU B 89 3.53 -3.77 10.48
C LEU B 89 2.61 -4.96 10.73
N LEU B 90 3.11 -6.20 10.64
CA LEU B 90 2.29 -7.42 10.87
C LEU B 90 1.98 -7.66 12.35
N ARG B 91 2.66 -6.97 13.27
CA ARG B 91 2.49 -7.28 14.70
C ARG B 91 1.08 -6.92 15.21
N TYR B 92 0.42 -5.92 14.61
CA TYR B 92 -0.92 -5.43 15.04
C TYR B 92 -1.85 -5.53 13.83
N ARG B 93 -3.06 -5.91 14.14
CA ARG B 93 -4.19 -5.91 13.19
C ARG B 93 -4.23 -4.57 12.45
N ASP B 94 -4.32 -4.61 11.13
CA ASP B 94 -4.39 -3.40 10.27
C ASP B 94 -3.18 -2.49 10.51
N GLY B 95 -2.03 -3.08 10.86
CA GLY B 95 -0.84 -2.27 11.08
C GLY B 95 -0.42 -1.48 9.85
N ALA B 96 -0.43 -2.12 8.68
CA ALA B 96 -0.09 -1.38 7.45
C ALA B 96 -1.04 -0.18 7.29
N LYS B 97 -2.33 -0.40 7.43
CA LYS B 97 -3.33 0.69 7.27
C LYS B 97 -3.03 1.81 8.27
N VAL B 98 -2.59 1.46 9.47
CA VAL B 98 -2.17 2.47 10.46
C VAL B 98 -1.01 3.33 9.94
N HIS B 99 -0.04 2.72 9.27
CA HIS B 99 1.13 3.45 8.73
C HIS B 99 0.74 4.35 7.56
N LEU B 100 -0.15 3.92 6.66
CA LEU B 100 -0.37 4.56 5.33
C LEU B 100 -0.63 6.06 5.49
N GLY B 101 0.14 6.85 4.74
CA GLY B 101 -0.15 8.28 4.58
C GLY B 101 0.55 9.12 5.64
N THR B 102 1.19 8.47 6.60
CA THR B 102 2.01 9.13 7.67
C THR B 102 3.30 9.61 6.98
N ARG B 103 3.95 10.57 7.61
CA ARG B 103 5.30 11.03 7.24
C ARG B 103 6.13 10.91 8.50
N PRO B 104 7.48 10.86 8.37
CA PRO B 104 8.34 10.74 9.54
C PRO B 104 7.98 11.80 10.60
N ASP B 105 7.89 11.35 11.84
CA ASP B 105 7.70 12.17 13.06
C ASP B 105 9.05 12.78 13.52
N GLU B 106 9.03 13.87 14.30
CA GLU B 106 10.29 14.46 14.81
C GLU B 106 11.09 13.43 15.60
N LYS B 107 10.44 12.48 16.29
CA LYS B 107 11.17 11.45 17.06
C LYS B 107 11.88 10.48 16.11
N GLN B 108 11.51 10.46 14.82
CA GLN B 108 12.15 9.58 13.82
C GLN B 108 13.16 10.35 12.96
N TYR B 109 13.28 11.68 13.09
CA TYR B 109 14.08 12.53 12.15
C TYR B 109 15.51 12.00 12.06
N ASP B 110 16.17 11.82 13.19
CA ASP B 110 17.61 11.40 13.21
C ASP B 110 17.79 10.07 12.48
N THR B 111 16.98 9.06 12.80
CA THR B 111 16.97 7.75 12.14
C THR B 111 16.82 7.92 10.62
N VAL B 112 15.73 8.57 10.16
CA VAL B 112 15.43 8.57 8.70
C VAL B 112 16.49 9.43 7.99
N GLU B 113 17.01 10.47 8.63
CA GLU B 113 18.13 11.25 8.06
C GLU B 113 19.31 10.31 7.85
N THR B 114 19.69 9.52 8.87
CA THR B 114 20.84 8.60 8.80
C THR B 114 20.61 7.59 7.68
N GLN B 115 19.37 7.15 7.44
CA GLN B 115 19.08 6.17 6.38
C GLN B 115 19.34 6.84 5.02
N LEU B 116 18.85 8.05 4.84
CA LEU B 116 19.05 8.80 3.58
C LEU B 116 20.53 9.08 3.39
N ARG B 117 21.21 9.53 4.43
CA ARG B 117 22.68 9.86 4.35
C ARG B 117 23.45 8.60 3.94
N PHE B 118 23.14 7.49 4.60
CA PHE B 118 23.75 6.16 4.34
C PHE B 118 23.65 5.79 2.87
N MET B 119 22.48 5.97 2.23
CA MET B 119 22.30 5.68 0.79
C MET B 119 23.25 6.58 -0.02
N THR B 120 23.33 7.86 0.30
CA THR B 120 24.19 8.80 -0.47
C THR B 120 25.68 8.42 -0.32
N GLU B 121 26.08 7.98 0.85
CA GLU B 121 27.47 7.54 1.11
C GLU B 121 27.75 6.31 0.25
N ASN B 122 26.75 5.58 -0.19
CA ASN B 122 26.96 4.30 -0.91
C ASN B 122 26.82 4.53 -2.40
N GLY B 123 26.83 5.77 -2.87
CA GLY B 123 26.88 6.09 -4.30
C GLY B 123 25.57 6.59 -4.89
N PHE B 124 24.47 6.50 -4.17
CA PHE B 124 23.17 7.00 -4.68
C PHE B 124 23.10 8.51 -4.57
N SER B 125 22.55 9.22 -5.55
CA SER B 125 22.06 10.60 -5.32
C SER B 125 21.02 10.58 -4.21
N LEU B 126 20.77 11.71 -3.54
CA LEU B 126 19.65 11.73 -2.54
C LEU B 126 18.37 11.24 -3.26
N ARG B 127 18.11 11.70 -4.46
CA ARG B 127 16.88 11.38 -5.24
C ARG B 127 16.77 9.86 -5.42
N ASP B 128 17.82 9.25 -5.95
CA ASP B 128 17.84 7.80 -6.31
C ASP B 128 17.82 6.96 -5.03
N GLY B 129 18.45 7.44 -3.98
CA GLY B 129 18.40 6.78 -2.66
C GLY B 129 16.99 6.78 -2.13
N LEU B 130 16.33 7.94 -2.18
CA LEU B 130 14.91 8.12 -1.77
C LEU B 130 13.99 7.24 -2.64
N TYR B 131 14.20 7.20 -3.95
CA TYR B 131 13.41 6.36 -4.89
C TYR B 131 13.53 4.89 -4.46
N ALA B 132 14.72 4.44 -4.10
CA ALA B 132 14.93 3.04 -3.65
C ALA B 132 14.17 2.83 -2.35
N ILE B 133 14.40 3.67 -1.35
CA ILE B 133 13.77 3.53 -0.01
C ILE B 133 12.26 3.53 -0.18
N SER B 134 11.74 4.44 -0.99
CA SER B 134 10.29 4.59 -1.24
C SER B 134 9.76 3.32 -1.88
N ALA B 135 10.45 2.78 -2.90
CA ALA B 135 10.01 1.53 -3.57
C ALA B 135 9.93 0.41 -2.52
N VAL B 136 10.93 0.31 -1.65
CA VAL B 136 10.93 -0.75 -0.59
C VAL B 136 9.71 -0.53 0.29
N SER B 137 9.46 0.71 0.71
CA SER B 137 8.33 1.03 1.60
C SER B 137 7.03 0.66 0.88
N HIS B 138 6.84 1.14 -0.34
CA HIS B 138 5.58 0.89 -1.08
C HIS B 138 5.34 -0.60 -1.30
N PHE B 139 6.36 -1.32 -1.74
CA PHE B 139 6.25 -2.77 -1.96
C PHE B 139 5.88 -3.46 -0.65
N THR B 140 6.57 -3.13 0.44
CA THR B 140 6.38 -3.82 1.76
C THR B 140 4.95 -3.54 2.23
N LEU B 141 4.51 -2.29 2.12
CA LEU B 141 3.17 -1.87 2.61
C LEU B 141 2.13 -2.64 1.83
N GLY B 142 2.27 -2.69 0.51
CA GLY B 142 1.33 -3.39 -0.41
C GLY B 142 1.26 -4.87 -0.07
N ALA B 143 2.40 -5.50 0.15
CA ALA B 143 2.48 -6.93 0.43
C ALA B 143 1.82 -7.23 1.80
N VAL B 144 2.09 -6.42 2.82
CA VAL B 144 1.49 -6.59 4.17
C VAL B 144 -0.02 -6.31 4.04
N LEU B 145 -0.41 -5.27 3.33
CA LEU B 145 -1.85 -4.91 3.25
C LEU B 145 -2.60 -6.09 2.63
N GLU B 146 -2.06 -6.70 1.59
CA GLU B 146 -2.76 -7.83 0.97
C GLU B 146 -2.83 -9.00 1.96
N GLN B 147 -1.81 -9.25 2.77
CA GLN B 147 -1.84 -10.35 3.78
C GLN B 147 -2.87 -9.99 4.88
N GLN B 148 -2.92 -8.74 5.32
CA GLN B 148 -3.85 -8.31 6.42
C GLN B 148 -5.30 -8.33 5.89
N GLU B 149 -5.53 -7.99 4.63
CA GLU B 149 -6.89 -8.11 3.99
C GLU B 149 -7.34 -9.57 3.82
N HIS B 150 -6.43 -10.47 3.50
CA HIS B 150 -6.73 -11.92 3.41
C HIS B 150 -7.14 -12.44 4.79
N THR B 151 -6.45 -12.03 5.87
CA THR B 151 -6.85 -12.33 7.27
C THR B 151 -8.30 -11.85 7.53
N ALA B 152 -8.56 -10.56 7.29
CA ALA B 152 -9.88 -9.89 7.40
C ALA B 152 -10.96 -10.66 6.61
N ALA B 153 -10.67 -11.16 5.40
CA ALA B 153 -11.60 -11.98 4.57
C ALA B 153 -11.83 -13.38 5.19
N LEU B 154 -10.77 -14.06 5.67
CA LEU B 154 -10.77 -15.52 6.02
C LEU B 154 -11.42 -15.72 7.38
N LEU B 165 -12.08 -22.06 -10.35
CA LEU B 165 -10.92 -21.19 -10.66
C LEU B 165 -10.19 -21.72 -11.89
N PRO B 166 -9.66 -20.83 -12.78
CA PRO B 166 -8.84 -21.26 -13.91
C PRO B 166 -7.63 -22.04 -13.42
N PRO B 167 -7.06 -22.90 -14.29
CA PRO B 167 -6.01 -23.84 -13.88
C PRO B 167 -4.72 -23.26 -13.29
N LEU B 168 -4.10 -22.31 -13.99
CA LEU B 168 -2.81 -21.76 -13.50
C LEU B 168 -3.08 -20.99 -12.20
N LEU B 169 -4.19 -20.26 -12.15
CA LEU B 169 -4.53 -19.43 -10.97
C LEU B 169 -4.73 -20.39 -9.80
N ARG B 170 -5.50 -21.47 -10.01
CA ARG B 170 -5.74 -22.46 -8.94
C ARG B 170 -4.39 -22.96 -8.41
N GLU B 171 -3.45 -23.34 -9.26
CA GLU B 171 -2.12 -23.84 -8.79
C GLU B 171 -1.35 -22.71 -8.08
N ALA B 172 -1.49 -21.48 -8.57
CA ALA B 172 -0.89 -20.24 -7.99
C ALA B 172 -1.47 -19.97 -6.59
N LEU B 173 -2.78 -20.10 -6.40
CA LEU B 173 -3.44 -19.93 -5.08
C LEU B 173 -2.98 -21.03 -4.11
N GLN B 174 -2.76 -22.26 -4.57
CA GLN B 174 -2.16 -23.35 -3.73
C GLN B 174 -0.81 -22.87 -3.23
N ILE B 175 0.01 -22.31 -4.11
CA ILE B 175 1.40 -21.84 -3.79
C ILE B 175 1.35 -20.59 -2.87
N MET B 176 0.44 -19.65 -3.13
CA MET B 176 0.31 -18.37 -2.37
C MET B 176 -0.14 -18.68 -0.93
N ASP B 177 -0.99 -19.70 -0.76
CA ASP B 177 -1.66 -20.00 0.53
C ASP B 177 -0.97 -21.17 1.25
N SER B 178 0.13 -21.68 0.70
CA SER B 178 1.05 -22.60 1.41
C SER B 178 1.86 -21.79 2.45
N ASP B 179 1.85 -20.44 2.40
CA ASP B 179 2.42 -19.59 3.47
C ASP B 179 1.59 -18.31 3.63
N ASP B 180 2.07 -17.40 4.47
CA ASP B 180 1.41 -16.14 4.91
C ASP B 180 1.57 -15.03 3.87
N GLY B 181 2.49 -15.15 2.90
CA GLY B 181 2.95 -14.04 2.06
C GLY B 181 4.47 -13.88 2.05
N GLU B 182 5.15 -14.54 3.00
CA GLU B 182 6.59 -14.27 3.22
C GLU B 182 7.40 -14.64 1.98
N GLN B 183 7.10 -15.76 1.34
CA GLN B 183 7.87 -16.20 0.15
C GLN B 183 7.78 -15.16 -0.94
N ALA B 184 6.56 -14.74 -1.33
CA ALA B 184 6.35 -13.77 -2.41
C ALA B 184 7.03 -12.48 -2.01
N PHE B 185 6.89 -12.11 -0.74
CA PHE B 185 7.50 -10.84 -0.26
C PHE B 185 9.02 -10.91 -0.46
N LEU B 186 9.66 -11.96 0.05
CA LEU B 186 11.15 -11.99 0.00
C LEU B 186 11.70 -12.09 -1.42
N HIS B 187 10.97 -12.74 -2.32
CA HIS B 187 11.34 -12.89 -3.75
C HIS B 187 11.26 -11.52 -4.45
N GLY B 188 10.18 -10.81 -4.28
CA GLY B 188 10.04 -9.45 -4.82
C GLY B 188 11.11 -8.56 -4.23
N LEU B 189 11.42 -8.72 -2.93
CA LEU B 189 12.41 -7.82 -2.31
C LEU B 189 13.81 -8.03 -2.98
N GLU B 190 14.21 -9.28 -3.24
CA GLU B 190 15.49 -9.50 -3.93
C GLU B 190 15.46 -8.87 -5.33
N SER B 191 14.34 -8.97 -6.02
CA SER B 191 14.18 -8.38 -7.38
C SER B 191 14.37 -6.88 -7.32
N LEU B 192 13.78 -6.20 -6.34
CA LEU B 192 13.89 -4.74 -6.20
C LEU B 192 15.36 -4.38 -5.89
N ILE B 193 15.99 -5.06 -4.95
CA ILE B 193 17.39 -4.74 -4.56
C ILE B 193 18.29 -4.91 -5.80
N ARG B 194 18.13 -6.01 -6.54
CA ARG B 194 19.01 -6.28 -7.68
C ARG B 194 18.79 -5.20 -8.74
N GLY B 195 17.54 -4.85 -9.03
CA GLY B 195 17.27 -3.71 -9.92
C GLY B 195 17.91 -2.43 -9.46
N PHE B 196 17.86 -2.08 -8.19
CA PHE B 196 18.54 -0.86 -7.71
C PHE B 196 20.05 -0.96 -8.01
N GLU B 197 20.62 -2.14 -7.82
CA GLU B 197 22.08 -2.31 -7.98
C GLU B 197 22.44 -2.13 -9.46
N VAL B 198 21.69 -2.72 -10.37
CA VAL B 198 21.91 -2.62 -11.84
C VAL B 198 21.86 -1.15 -12.25
N GLN B 199 20.96 -0.37 -11.65
CA GLN B 199 20.82 1.08 -11.92
C GLN B 199 22.04 1.82 -11.34
N LEU B 200 22.40 1.58 -10.09
CA LEU B 200 23.53 2.29 -9.42
C LEU B 200 24.79 1.99 -10.22
N THR B 201 25.04 0.73 -10.54
CA THR B 201 26.35 0.32 -11.11
C THR B 201 26.47 0.86 -12.54
N ALA B 202 25.35 1.17 -13.22
CA ALA B 202 25.35 1.69 -14.61
C ALA B 202 25.94 3.11 -14.71
N LEU B 203 25.93 3.90 -13.63
CA LEU B 203 26.39 5.31 -13.67
C LEU B 203 25.65 5.98 -14.83
N LEU B 204 26.38 6.49 -15.83
CA LEU B 204 25.85 7.22 -17.01
C LEU B 204 25.78 6.32 -18.26
N GLN B 205 26.16 5.05 -18.18
CA GLN B 205 25.95 4.08 -19.29
C GLN B 205 24.45 3.96 -19.57
N ILE B 206 24.12 3.71 -20.83
CA ILE B 206 22.75 3.26 -21.17
C ILE B 206 22.57 1.85 -20.64
N VAL B 207 21.45 1.62 -19.95
CA VAL B 207 21.24 0.35 -19.22
C VAL B 207 19.78 -0.04 -19.34
CL CL C . 7.65 -4.88 -26.39
CL CL D . -35.40 2.26 -12.09
CL CL E . -27.40 -1.68 -15.92
CL CL F . -23.97 2.84 4.97
CL CL G . -17.14 10.02 -15.58
O1 PG4 H . 0.09 -6.80 -13.57
C1 PG4 H . -1.08 -6.11 -13.18
C2 PG4 H . -1.04 -5.61 -11.77
O2 PG4 H . -2.34 -5.19 -11.36
C3 PG4 H . -3.11 -6.18 -10.70
C4 PG4 H . -4.57 -5.79 -10.65
O3 PG4 H . -5.39 -6.80 -11.23
C5 PG4 H . -6.16 -6.31 -12.33
C6 PG4 H . -7.09 -7.34 -12.89
O4 PG4 H . -8.32 -6.71 -13.26
C7 PG4 H . -8.44 -6.46 -14.66
C8 PG4 H . -9.75 -5.74 -14.95
O5 PG4 H . -9.89 -5.41 -16.33
C1 PGE I . -13.18 17.01 -6.71
O1 PGE I . -13.85 16.58 -5.53
C2 PGE I . -12.31 15.95 -7.29
O2 PGE I . -12.94 15.39 -8.45
C3 PGE I . -12.78 13.98 -8.55
C4 PGE I . -11.41 13.63 -9.06
O4 PGE I . -7.56 13.34 -7.67
C6 PGE I . -8.63 12.52 -7.22
C5 PGE I . -9.94 13.23 -7.20
O3 PGE I . -10.79 12.67 -8.19
C1 DXT J . 10.62 4.75 8.41
O1 DXT J . 10.05 5.65 9.03
C2 DXT J . 11.70 3.89 8.90
O21 DXT J . 13.10 3.17 10.67
C21 DXT J . 12.16 3.88 10.31
N21 DXT J . 11.46 4.79 11.20
C3 DXT J . 12.27 2.99 7.98
O3 DXT J . 12.84 1.88 8.29
C4 DXT J . 12.37 3.25 6.49
N4 DXT J . 12.36 2.00 5.69
C41 DXT J . 13.67 1.36 5.44
C42 DXT J . 11.33 1.00 6.00
C4A DXT J . 11.32 4.27 6.00
C5 DXT J . 12.01 5.64 5.81
O5 DXT J . 13.21 5.39 5.17
C5A DXT J . 11.10 6.60 5.06
C6 DXT J . 11.64 8.03 5.10
C61 DXT J . 13.11 8.19 4.64
C6A DXT J . 10.66 8.92 4.34
C7 DXT J . 11.09 10.01 3.60
C8 DXT J . 10.19 10.82 2.91
C9 DXT J . 8.84 10.56 2.95
C10 DXT J . 8.35 9.46 3.67
O10 DXT J . 7.02 9.24 3.67
C6B DXT J . 9.27 8.64 4.38
C11 DXT J . 8.73 7.52 5.14
O11 DXT J . 7.47 7.42 5.37
C5B DXT J . 9.67 6.50 5.58
C12 DXT J . 9.23 5.52 6.42
O12 DXT J . 7.98 5.39 6.86
C4B DXT J . 10.15 4.45 6.95
O13 DXT J . 9.45 3.22 7.08
MG MG K . 6.31 6.05 6.12
CL CL L . 26.74 -6.77 4.13
CL CL M . -3.18 9.28 35.03
CL CL N . 4.54 8.10 29.34
CL CL O . -13.44 8.05 17.07
CL CL P . 24.49 14.75 4.53
#